data_1JPG
#
_entry.id   1JPG
#
_cell.length_a   91.122
_cell.length_b   109.952
_cell.length_c   57.744
_cell.angle_alpha   90.00
_cell.angle_beta   122.88
_cell.angle_gamma   90.00
#
_symmetry.space_group_name_H-M   'C 1 2 1'
#
loop_
_entity.id
_entity.type
_entity.pdbx_description
1 polymer 'H-2 CLASS I HISTOCOMPATIBILITY ANTIGEN, D-B ALPHA CHAIN'
2 polymer BETA-2-MICROGLOBULIN
3 polymer 'LCMV peptidic epitope np396'
4 water water
#
loop_
_entity_poly.entity_id
_entity_poly.type
_entity_poly.pdbx_seq_one_letter_code
_entity_poly.pdbx_strand_id
1 'polypeptide(L)'
;MGPHSMRYFETAVSRPGLEEPRYISVGYVDNKEFVRFDSDAENPRYEPRAPWMEQEGPEYWERETQKAKGQEQWFRVSLR
NLLGYYNQSAGGSHTLQQMSGCDLGSDWRLLRGYLQFAYEGRDYIALNEDLKTWTAADMAAQITRRKWEQSGAAEHYKAY
LEGECVEWLHRYLKNGNATLLRTDSPKAHVTHHPRSKGEVTLRCWALGFYPADITLTWQLNGEELTQDMELVETRPAGDG
TFQKWASVVVPLGKEQNYTCRVYHEGLPEPLTLRWEPPPST
;
A
2 'polypeptide(L)'
;MIQKTPQIQVYSRHPPENGKPNILNCYVTQFHPPHIEIQMLKNGKKIPKVEMSDMSFSKDWSFYILAHTEFTPTETDTYA
CRVKHDSMAEPKTVYWDRDM
;
B
3 'polypeptide(L)' FQPQNGQFI C
#
# COMPACT_ATOMS: atom_id res chain seq x y z
N PRO A 3 -20.94 -3.42 -0.78
CA PRO A 3 -19.83 -2.96 0.11
C PRO A 3 -18.62 -2.51 -0.71
N HIS A 4 -18.87 -1.91 -1.87
CA HIS A 4 -17.81 -1.43 -2.76
C HIS A 4 -17.37 0.00 -2.48
N SER A 5 -16.32 0.43 -3.17
CA SER A 5 -15.81 1.78 -3.00
C SER A 5 -14.82 2.17 -4.08
N MET A 6 -14.55 3.47 -4.15
CA MET A 6 -13.59 4.01 -5.10
C MET A 6 -12.84 5.15 -4.39
N ARG A 7 -11.52 5.19 -4.55
CA ARG A 7 -10.73 6.22 -3.91
C ARG A 7 -9.66 6.72 -4.86
N TYR A 8 -9.27 7.98 -4.68
CA TYR A 8 -8.18 8.52 -5.47
C TYR A 8 -7.21 9.04 -4.45
N PHE A 9 -5.99 8.50 -4.49
CA PHE A 9 -4.94 8.88 -3.57
C PHE A 9 -3.95 9.74 -4.36
N GLU A 10 -3.88 11.04 -4.01
CA GLU A 10 -3.01 11.96 -4.71
C GLU A 10 -1.90 12.46 -3.83
N THR A 11 -0.73 12.62 -4.46
CA THR A 11 0.47 13.07 -3.79
C THR A 11 1.23 14.07 -4.64
N ALA A 12 1.75 15.10 -3.98
CA ALA A 12 2.57 16.11 -4.65
C ALA A 12 3.75 16.34 -3.72
N VAL A 13 4.96 16.21 -4.25
CA VAL A 13 6.16 16.38 -3.44
C VAL A 13 7.06 17.42 -4.04
N SER A 14 7.40 18.43 -3.26
CA SER A 14 8.28 19.48 -3.74
C SER A 14 9.69 19.00 -3.50
N ARG A 15 10.61 19.47 -4.33
CA ARG A 15 12.01 19.11 -4.25
C ARG A 15 12.92 20.33 -4.37
N PRO A 16 14.09 20.29 -3.71
CA PRO A 16 15.07 21.39 -3.73
C PRO A 16 15.27 22.04 -5.10
N GLY A 17 15.16 23.35 -5.14
CA GLY A 17 15.34 24.08 -6.38
C GLY A 17 14.07 24.75 -6.85
N LEU A 18 14.08 25.25 -8.08
CA LEU A 18 12.92 25.93 -8.65
C LEU A 18 12.21 25.01 -9.65
N GLU A 19 12.45 23.71 -9.51
CA GLU A 19 11.84 22.69 -10.37
C GLU A 19 10.49 22.26 -9.80
N GLU A 20 9.43 22.51 -10.55
CA GLU A 20 8.07 22.17 -10.13
C GLU A 20 8.02 20.78 -9.45
N PRO A 21 7.12 20.62 -8.46
CA PRO A 21 6.98 19.36 -7.74
C PRO A 21 6.43 18.23 -8.60
N ARG A 22 6.67 17.01 -8.18
CA ARG A 22 6.16 15.85 -8.90
C ARG A 22 4.77 15.56 -8.33
N TYR A 23 3.82 15.32 -9.22
CA TYR A 23 2.45 15.03 -8.84
C TYR A 23 2.09 13.60 -9.26
N ILE A 24 1.64 12.78 -8.30
CA ILE A 24 1.24 11.41 -8.59
C ILE A 24 -0.17 11.18 -8.10
N SER A 25 -1.02 10.63 -8.97
CA SER A 25 -2.39 10.34 -8.61
C SER A 25 -2.72 8.87 -8.96
N VAL A 26 -3.26 8.14 -7.98
CA VAL A 26 -3.61 6.72 -8.14
C VAL A 26 -5.08 6.47 -7.79
N GLY A 27 -5.79 5.73 -8.63
CA GLY A 27 -7.18 5.41 -8.36
C GLY A 27 -7.37 3.98 -7.89
N TYR A 28 -8.37 3.72 -7.06
CA TYR A 28 -8.67 2.39 -6.56
C TYR A 28 -10.17 2.09 -6.60
N VAL A 29 -10.47 0.81 -6.79
CA VAL A 29 -11.83 0.27 -6.79
C VAL A 29 -11.75 -0.98 -5.92
N ASP A 30 -12.45 -0.95 -4.79
CA ASP A 30 -12.45 -2.05 -3.84
C ASP A 30 -11.02 -2.32 -3.39
N ASN A 31 -10.26 -1.24 -3.26
CA ASN A 31 -8.87 -1.30 -2.82
C ASN A 31 -7.89 -1.87 -3.84
N LYS A 32 -8.29 -1.94 -5.10
CA LYS A 32 -7.38 -2.45 -6.13
C LYS A 32 -7.00 -1.30 -7.09
N GLU A 33 -5.70 -1.10 -7.31
CA GLU A 33 -5.27 -0.01 -8.20
C GLU A 33 -5.79 -0.28 -9.61
N PHE A 34 -6.50 0.70 -10.19
CA PHE A 34 -7.01 0.51 -11.55
C PHE A 34 -6.59 1.58 -12.55
N VAL A 35 -6.09 2.71 -12.06
CA VAL A 35 -5.62 3.80 -12.92
C VAL A 35 -4.48 4.53 -12.22
N ARG A 36 -3.61 5.15 -13.00
CA ARG A 36 -2.47 5.84 -12.43
C ARG A 36 -1.97 6.96 -13.35
N PHE A 37 -1.47 8.05 -12.74
CA PHE A 37 -0.92 9.20 -13.47
C PHE A 37 0.29 9.68 -12.73
N ASP A 38 1.33 10.05 -13.48
CA ASP A 38 2.59 10.51 -12.92
C ASP A 38 3.15 11.64 -13.77
N SER A 39 3.53 12.74 -13.15
CA SER A 39 4.05 13.90 -13.88
C SER A 39 5.51 13.71 -14.30
N ASP A 40 6.20 12.76 -13.70
CA ASP A 40 7.60 12.49 -14.04
C ASP A 40 7.75 11.76 -15.36
N ALA A 41 6.79 10.90 -15.65
CA ALA A 41 6.80 10.12 -16.88
C ALA A 41 7.10 10.93 -18.14
N GLU A 42 7.57 10.20 -19.16
CA GLU A 42 7.91 10.76 -20.47
C GLU A 42 6.76 11.64 -20.96
N ASN A 43 5.74 11.00 -21.53
CA ASN A 43 4.57 11.73 -21.99
C ASN A 43 3.50 11.41 -20.94
N PRO A 44 3.30 12.33 -19.98
CA PRO A 44 2.33 12.16 -18.90
C PRO A 44 0.89 12.02 -19.38
N ARG A 45 0.29 10.88 -19.07
CA ARG A 45 -1.10 10.61 -19.42
C ARG A 45 -1.65 9.66 -18.36
N TYR A 46 -2.97 9.59 -18.24
CA TYR A 46 -3.52 8.66 -17.28
C TYR A 46 -3.38 7.31 -17.94
N GLU A 47 -3.03 6.28 -17.16
CA GLU A 47 -2.80 4.94 -17.70
C GLU A 47 -3.62 3.84 -17.02
N PRO A 48 -4.03 2.82 -17.79
CA PRO A 48 -4.81 1.70 -17.24
C PRO A 48 -3.90 0.93 -16.28
N ARG A 49 -4.49 0.32 -15.26
CA ARG A 49 -3.70 -0.42 -14.28
C ARG A 49 -4.34 -1.73 -13.87
N ALA A 50 -5.47 -2.02 -14.51
CA ALA A 50 -6.23 -3.24 -14.28
C ALA A 50 -6.66 -3.60 -15.70
N PRO A 51 -6.57 -4.89 -16.09
CA PRO A 51 -6.96 -5.29 -17.44
C PRO A 51 -8.35 -4.84 -17.87
N TRP A 52 -9.29 -4.74 -16.94
CA TRP A 52 -10.64 -4.34 -17.31
C TRP A 52 -10.84 -2.85 -17.63
N MET A 53 -9.78 -2.04 -17.56
CA MET A 53 -9.89 -0.61 -17.88
C MET A 53 -9.50 -0.29 -19.31
N GLU A 54 -8.92 -1.25 -20.02
CA GLU A 54 -8.51 -1.03 -21.40
C GLU A 54 -9.71 -0.81 -22.33
N GLN A 55 -10.90 -1.08 -21.79
CA GLN A 55 -12.15 -0.91 -22.53
C GLN A 55 -12.38 0.54 -22.97
N GLU A 56 -12.20 1.48 -22.03
CA GLU A 56 -12.41 2.90 -22.29
C GLU A 56 -11.63 3.41 -23.52
N GLY A 57 -12.35 4.11 -24.40
CA GLY A 57 -11.72 4.63 -25.60
C GLY A 57 -10.78 5.79 -25.33
N PRO A 58 -10.27 6.42 -26.39
CA PRO A 58 -9.34 7.56 -26.30
C PRO A 58 -9.91 8.74 -25.50
N GLU A 59 -11.15 9.11 -25.81
CA GLU A 59 -11.83 10.21 -25.13
C GLU A 59 -11.66 10.19 -23.60
N TYR A 60 -11.97 9.04 -23.00
CA TYR A 60 -11.86 8.88 -21.55
C TYR A 60 -10.46 9.19 -21.01
N TRP A 61 -9.44 8.60 -21.63
CA TRP A 61 -8.08 8.82 -21.17
C TRP A 61 -7.65 10.26 -21.36
N GLU A 62 -8.13 10.89 -22.42
CA GLU A 62 -7.78 12.28 -22.69
C GLU A 62 -8.38 13.18 -21.59
N ARG A 63 -9.66 12.97 -21.31
CA ARG A 63 -10.37 13.74 -20.30
C ARG A 63 -9.69 13.59 -18.95
N GLU A 64 -9.44 12.34 -18.56
CA GLU A 64 -8.79 12.06 -17.30
C GLU A 64 -7.42 12.70 -17.23
N THR A 65 -6.70 12.69 -18.35
CA THR A 65 -5.35 13.26 -18.36
C THR A 65 -5.40 14.75 -18.10
N GLN A 66 -6.40 15.42 -18.66
CA GLN A 66 -6.55 16.86 -18.47
C GLN A 66 -6.82 17.16 -16.99
N LYS A 67 -7.91 16.60 -16.46
CA LYS A 67 -8.26 16.81 -15.05
C LYS A 67 -7.01 16.66 -14.18
N ALA A 68 -6.23 15.62 -14.46
CA ALA A 68 -5.00 15.40 -13.70
C ALA A 68 -3.99 16.52 -13.87
N LYS A 69 -3.97 17.13 -15.04
CA LYS A 69 -3.01 18.20 -15.23
C LYS A 69 -3.48 19.42 -14.44
N GLY A 70 -4.79 19.54 -14.29
CA GLY A 70 -5.35 20.63 -13.50
C GLY A 70 -5.03 20.38 -12.03
N GLN A 71 -5.20 19.14 -11.59
CA GLN A 71 -4.92 18.77 -10.21
C GLN A 71 -3.48 19.13 -9.89
N GLU A 72 -2.57 18.78 -10.79
CA GLU A 72 -1.16 19.06 -10.59
C GLU A 72 -0.91 20.54 -10.34
N GLN A 73 -1.60 21.38 -11.09
CA GLN A 73 -1.46 22.82 -10.92
C GLN A 73 -2.06 23.20 -9.58
N TRP A 74 -3.23 22.66 -9.27
CA TRP A 74 -3.87 22.96 -7.99
C TRP A 74 -2.89 22.63 -6.85
N PHE A 75 -2.21 21.48 -6.90
CA PHE A 75 -1.28 21.16 -5.82
C PHE A 75 -0.08 22.08 -5.80
N ARG A 76 0.30 22.57 -6.97
CA ARG A 76 1.43 23.49 -7.05
C ARG A 76 1.09 24.71 -6.21
N VAL A 77 -0.03 25.34 -6.54
CA VAL A 77 -0.51 26.53 -5.82
C VAL A 77 -0.68 26.26 -4.31
N SER A 78 -1.51 25.27 -4.00
CA SER A 78 -1.76 24.95 -2.59
C SER A 78 -0.47 24.74 -1.82
N LEU A 79 0.50 24.13 -2.48
CA LEU A 79 1.81 23.86 -1.88
C LEU A 79 2.58 25.12 -1.50
N ARG A 80 2.39 26.20 -2.26
CA ARG A 80 3.07 27.44 -1.95
C ARG A 80 2.39 28.09 -0.74
N ASN A 81 1.06 28.08 -0.72
CA ASN A 81 0.32 28.66 0.39
C ASN A 81 0.69 27.99 1.71
N LEU A 82 0.87 26.67 1.67
CA LEU A 82 1.25 25.97 2.88
C LEU A 82 2.59 26.49 3.38
N LEU A 83 3.49 26.75 2.45
CA LEU A 83 4.81 27.26 2.79
C LEU A 83 4.67 28.46 3.74
N GLY A 84 3.71 29.33 3.44
CA GLY A 84 3.45 30.49 4.27
C GLY A 84 2.84 30.08 5.59
N TYR A 85 1.69 29.42 5.53
CA TYR A 85 1.02 28.96 6.74
C TYR A 85 2.01 28.48 7.80
N TYR A 86 3.01 27.70 7.37
CA TYR A 86 3.98 27.15 8.31
C TYR A 86 5.34 27.83 8.43
N ASN A 87 5.56 28.89 7.67
CA ASN A 87 6.84 29.60 7.73
C ASN A 87 8.01 28.76 7.27
N GLN A 88 7.88 28.18 6.09
CA GLN A 88 8.93 27.35 5.55
C GLN A 88 9.61 28.02 4.36
N SER A 89 10.94 27.96 4.31
CA SER A 89 11.71 28.56 3.23
C SER A 89 11.31 27.90 1.91
N ALA A 90 11.37 28.66 0.82
CA ALA A 90 10.98 28.18 -0.50
C ALA A 90 11.91 27.13 -1.12
N GLY A 91 12.87 26.61 -0.36
CA GLY A 91 13.77 25.62 -0.93
C GLY A 91 13.96 24.32 -0.16
N GLY A 92 12.86 23.72 0.30
CA GLY A 92 12.96 22.47 1.04
C GLY A 92 12.16 21.33 0.43
N SER A 93 11.95 20.27 1.20
CA SER A 93 11.20 19.10 0.72
C SER A 93 9.85 19.02 1.42
N HIS A 94 8.77 19.10 0.67
CA HIS A 94 7.43 19.04 1.27
C HIS A 94 6.47 18.08 0.59
N THR A 95 5.47 17.62 1.35
CA THR A 95 4.49 16.69 0.82
C THR A 95 3.06 17.05 1.12
N LEU A 96 2.24 17.12 0.09
CA LEU A 96 0.84 17.37 0.27
C LEU A 96 0.12 16.17 -0.32
N GLN A 97 -0.78 15.55 0.45
CA GLN A 97 -1.55 14.38 0.03
C GLN A 97 -3.06 14.59 0.17
N GLN A 98 -3.84 13.88 -0.66
CA GLN A 98 -5.29 13.97 -0.61
C GLN A 98 -5.88 12.59 -0.82
N MET A 99 -7.01 12.34 -0.18
CA MET A 99 -7.71 11.08 -0.37
C MET A 99 -9.15 11.50 -0.54
N SER A 100 -9.77 10.99 -1.58
CA SER A 100 -11.16 11.29 -1.83
C SER A 100 -11.83 10.05 -2.40
N GLY A 101 -13.15 9.98 -2.24
CA GLY A 101 -13.85 8.82 -2.76
C GLY A 101 -15.19 8.56 -2.09
N CYS A 102 -15.83 7.48 -2.49
CA CYS A 102 -17.12 7.16 -1.95
C CYS A 102 -17.26 5.66 -1.66
N ASP A 103 -18.11 5.35 -0.70
CA ASP A 103 -18.41 3.96 -0.33
C ASP A 103 -19.87 3.75 -0.65
N LEU A 104 -20.22 2.58 -1.17
CA LEU A 104 -21.60 2.26 -1.46
C LEU A 104 -22.01 1.15 -0.50
N GLY A 105 -23.22 1.24 0.03
CA GLY A 105 -23.70 0.23 0.95
C GLY A 105 -24.30 -0.96 0.24
N SER A 106 -24.88 -1.88 1.00
CA SER A 106 -25.51 -3.07 0.47
C SER A 106 -26.38 -2.76 -0.76
N ASP A 107 -27.11 -1.65 -0.66
CA ASP A 107 -28.02 -1.20 -1.70
C ASP A 107 -27.39 -0.50 -2.89
N TRP A 108 -26.08 -0.29 -2.85
CA TRP A 108 -25.35 0.39 -3.92
C TRP A 108 -25.62 1.90 -3.98
N ARG A 109 -26.13 2.45 -2.87
CA ARG A 109 -26.40 3.87 -2.77
C ARG A 109 -25.23 4.46 -1.98
N LEU A 110 -24.96 5.75 -2.14
CA LEU A 110 -23.85 6.34 -1.40
C LEU A 110 -24.07 6.12 0.10
N LEU A 111 -23.06 5.58 0.76
CA LEU A 111 -23.12 5.31 2.20
C LEU A 111 -22.28 6.37 2.93
N ARG A 112 -21.23 6.83 2.27
CA ARG A 112 -20.37 7.87 2.80
C ARG A 112 -19.39 8.35 1.74
N GLY A 113 -19.07 9.64 1.79
CA GLY A 113 -18.12 10.21 0.87
C GLY A 113 -16.91 10.59 1.67
N TYR A 114 -15.74 10.73 1.03
CA TYR A 114 -14.53 11.09 1.76
C TYR A 114 -13.74 12.16 1.02
N LEU A 115 -13.05 13.01 1.79
CA LEU A 115 -12.24 14.07 1.21
C LEU A 115 -11.37 14.61 2.32
N GLN A 116 -10.10 14.19 2.31
CA GLN A 116 -9.15 14.64 3.31
C GLN A 116 -7.78 15.00 2.74
N PHE A 117 -7.04 15.76 3.51
CA PHE A 117 -5.73 16.18 3.10
C PHE A 117 -4.78 16.01 4.23
N ALA A 118 -3.50 15.85 3.89
CA ALA A 118 -2.48 15.74 4.91
C ALA A 118 -1.32 16.55 4.37
N TYR A 119 -0.49 17.05 5.27
CA TYR A 119 0.65 17.83 4.86
C TYR A 119 1.77 17.34 5.75
N GLU A 120 2.93 17.09 5.16
CA GLU A 120 4.08 16.57 5.90
C GLU A 120 3.74 15.26 6.64
N GLY A 121 2.79 14.48 6.12
CA GLY A 121 2.43 13.24 6.76
C GLY A 121 1.37 13.29 7.86
N ARG A 122 0.78 14.46 8.11
CA ARG A 122 -0.24 14.61 9.16
C ARG A 122 -1.58 15.19 8.69
N ASP A 123 -2.66 14.74 9.34
CA ASP A 123 -4.00 15.25 9.02
C ASP A 123 -3.97 16.76 9.00
N TYR A 124 -4.55 17.36 7.96
CA TYR A 124 -4.60 18.81 7.85
C TYR A 124 -6.04 19.27 7.96
N ILE A 125 -6.87 18.86 7.01
CA ILE A 125 -8.27 19.23 7.05
C ILE A 125 -9.06 18.14 6.37
N ALA A 126 -10.20 17.79 6.93
CA ALA A 126 -11.03 16.74 6.35
C ALA A 126 -12.48 17.19 6.27
N LEU A 127 -13.18 16.72 5.24
CA LEU A 127 -14.57 17.05 5.05
C LEU A 127 -15.33 16.07 5.94
N ASN A 128 -16.36 16.56 6.65
CA ASN A 128 -17.09 15.70 7.57
C ASN A 128 -18.13 14.88 6.85
N GLU A 129 -18.62 13.85 7.52
CA GLU A 129 -19.61 12.96 6.91
C GLU A 129 -20.82 13.72 6.41
N ASP A 130 -21.13 14.85 7.03
CA ASP A 130 -22.28 15.62 6.57
C ASP A 130 -22.04 16.22 5.20
N LEU A 131 -20.77 16.28 4.80
CA LEU A 131 -20.40 16.85 3.50
C LEU A 131 -20.64 18.36 3.39
N LYS A 132 -20.55 19.05 4.52
CA LYS A 132 -20.73 20.51 4.53
C LYS A 132 -19.85 21.22 5.54
N THR A 133 -19.44 20.51 6.59
CA THR A 133 -18.58 21.09 7.62
C THR A 133 -17.20 20.42 7.67
N TRP A 134 -16.18 21.19 8.03
CA TRP A 134 -14.82 20.70 8.08
C TRP A 134 -14.26 20.49 9.48
N THR A 135 -13.25 19.61 9.55
CA THR A 135 -12.58 19.29 10.80
C THR A 135 -11.10 19.54 10.56
N ALA A 136 -10.65 20.77 10.81
CA ALA A 136 -9.23 21.07 10.64
C ALA A 136 -8.50 20.42 11.81
N ALA A 137 -7.26 19.96 11.56
CA ALA A 137 -6.47 19.28 12.58
C ALA A 137 -5.69 20.17 13.51
N ASP A 138 -5.28 21.34 13.04
CA ASP A 138 -4.52 22.24 13.89
C ASP A 138 -4.83 23.70 13.59
N MET A 139 -4.03 24.57 14.20
CA MET A 139 -4.17 26.00 14.03
C MET A 139 -4.06 26.39 12.56
N ALA A 140 -2.91 26.09 11.99
CA ALA A 140 -2.61 26.40 10.60
C ALA A 140 -3.79 26.06 9.68
N ALA A 141 -4.33 24.87 9.89
CA ALA A 141 -5.43 24.36 9.09
C ALA A 141 -6.70 25.21 9.25
N GLN A 142 -6.77 25.96 10.35
CA GLN A 142 -7.93 26.82 10.58
C GLN A 142 -8.04 27.88 9.48
N ILE A 143 -6.92 28.45 9.06
CA ILE A 143 -6.91 29.45 7.99
C ILE A 143 -7.66 28.88 6.78
N THR A 144 -7.26 27.68 6.37
CA THR A 144 -7.90 27.02 5.25
C THR A 144 -9.38 26.75 5.50
N ARG A 145 -9.73 26.25 6.70
CA ARG A 145 -11.13 25.94 7.01
C ARG A 145 -11.99 27.21 6.91
N ARG A 146 -11.50 28.30 7.48
CA ARG A 146 -12.22 29.59 7.46
C ARG A 146 -12.40 29.97 5.99
N LYS A 147 -11.29 29.92 5.24
CA LYS A 147 -11.30 30.23 3.81
C LYS A 147 -12.33 29.40 3.03
N TRP A 148 -12.37 28.10 3.28
CA TRP A 148 -13.30 27.22 2.57
C TRP A 148 -14.76 27.36 2.99
N GLU A 149 -15.00 27.71 4.26
CA GLU A 149 -16.38 27.91 4.73
C GLU A 149 -16.89 29.18 4.06
N GLN A 150 -16.08 30.22 4.15
CA GLN A 150 -16.40 31.52 3.57
C GLN A 150 -16.38 31.50 2.05
N SER A 151 -16.66 30.33 1.46
CA SER A 151 -16.66 30.22 0.01
C SER A 151 -17.46 29.02 -0.48
N GLY A 152 -18.10 28.32 0.44
CA GLY A 152 -18.90 27.16 0.08
C GLY A 152 -18.15 26.04 -0.62
N ALA A 153 -16.85 25.95 -0.38
CA ALA A 153 -16.02 24.92 -1.00
C ALA A 153 -16.58 23.50 -0.79
N ALA A 154 -17.23 23.28 0.35
CA ALA A 154 -17.82 21.98 0.67
C ALA A 154 -18.83 21.50 -0.37
N GLU A 155 -19.69 22.41 -0.81
CA GLU A 155 -20.73 22.09 -1.78
C GLU A 155 -20.15 21.46 -3.05
N HIS A 156 -19.04 22.02 -3.52
CA HIS A 156 -18.39 21.54 -4.71
C HIS A 156 -18.07 20.02 -4.61
N TYR A 157 -17.50 19.62 -3.49
CA TYR A 157 -17.15 18.22 -3.30
C TYR A 157 -18.38 17.35 -3.13
N LYS A 158 -19.35 17.86 -2.39
CA LYS A 158 -20.58 17.12 -2.16
C LYS A 158 -21.15 16.67 -3.49
N ALA A 159 -21.23 17.59 -4.45
CA ALA A 159 -21.78 17.23 -5.75
C ALA A 159 -21.02 16.04 -6.35
N TYR A 160 -19.69 16.12 -6.42
CA TYR A 160 -18.87 15.04 -6.96
C TYR A 160 -19.10 13.71 -6.19
N LEU A 161 -19.04 13.78 -4.87
CA LEU A 161 -19.20 12.61 -4.04
C LEU A 161 -20.54 11.87 -4.17
N GLU A 162 -21.62 12.61 -4.39
CA GLU A 162 -22.92 11.99 -4.53
C GLU A 162 -23.24 11.76 -6.00
N GLY A 163 -22.49 12.43 -6.88
CA GLY A 163 -22.74 12.29 -8.31
C GLY A 163 -21.76 11.40 -9.07
N GLU A 164 -20.82 12.03 -9.76
CA GLU A 164 -19.83 11.30 -10.56
C GLU A 164 -19.19 10.14 -9.85
N CYS A 165 -18.83 10.33 -8.59
CA CYS A 165 -18.17 9.27 -7.83
C CYS A 165 -19.00 7.99 -7.88
N VAL A 166 -20.30 8.16 -7.67
CA VAL A 166 -21.24 7.06 -7.65
C VAL A 166 -21.53 6.52 -9.04
N GLU A 167 -21.69 7.40 -10.02
CA GLU A 167 -21.98 6.98 -11.38
C GLU A 167 -20.84 6.16 -11.99
N TRP A 168 -19.61 6.60 -11.78
CA TRP A 168 -18.48 5.92 -12.34
C TRP A 168 -18.08 4.67 -11.59
N LEU A 169 -18.31 4.63 -10.28
CA LEU A 169 -17.98 3.43 -9.53
C LEU A 169 -18.91 2.35 -10.07
N HIS A 170 -20.19 2.67 -10.24
CA HIS A 170 -21.13 1.69 -10.78
C HIS A 170 -20.59 1.19 -12.11
N ARG A 171 -20.16 2.13 -12.95
CA ARG A 171 -19.59 1.80 -14.25
C ARG A 171 -18.39 0.84 -14.16
N TYR A 172 -17.37 1.24 -13.40
CA TYR A 172 -16.19 0.41 -13.27
C TYR A 172 -16.51 -0.99 -12.75
N LEU A 173 -17.47 -1.07 -11.83
CA LEU A 173 -17.89 -2.34 -11.25
C LEU A 173 -18.50 -3.22 -12.32
N LYS A 174 -19.20 -2.60 -13.26
CA LYS A 174 -19.83 -3.36 -14.32
C LYS A 174 -18.76 -3.94 -15.24
N ASN A 175 -17.81 -3.09 -15.66
CA ASN A 175 -16.74 -3.51 -16.55
C ASN A 175 -15.84 -4.58 -15.95
N GLY A 176 -15.38 -4.37 -14.72
CA GLY A 176 -14.52 -5.34 -14.09
C GLY A 176 -15.26 -6.15 -13.04
N ASN A 177 -16.43 -6.67 -13.43
CA ASN A 177 -17.30 -7.44 -12.53
C ASN A 177 -16.67 -8.71 -11.92
N ALA A 178 -16.62 -9.78 -12.71
CA ALA A 178 -16.07 -11.05 -12.24
C ALA A 178 -14.61 -10.90 -11.83
N THR A 179 -13.85 -10.14 -12.61
CA THR A 179 -12.44 -9.94 -12.31
C THR A 179 -12.19 -9.51 -10.87
N LEU A 180 -12.74 -8.35 -10.50
CA LEU A 180 -12.57 -7.82 -9.15
C LEU A 180 -12.98 -8.82 -8.07
N LEU A 181 -14.06 -9.55 -8.33
CA LEU A 181 -14.58 -10.51 -7.37
C LEU A 181 -13.91 -11.89 -7.50
N ARG A 182 -12.59 -11.93 -7.67
CA ARG A 182 -11.89 -13.21 -7.82
C ARG A 182 -11.05 -13.57 -6.61
N THR A 183 -10.63 -14.83 -6.55
CA THR A 183 -9.80 -15.28 -5.44
C THR A 183 -8.85 -16.40 -5.85
N ASP A 184 -7.73 -16.48 -5.15
CA ASP A 184 -6.76 -17.53 -5.37
C ASP A 184 -6.52 -18.07 -3.97
N SER A 185 -6.81 -19.34 -3.77
CA SER A 185 -6.64 -19.96 -2.46
C SER A 185 -5.17 -20.06 -2.07
N PRO A 186 -4.86 -20.01 -0.77
CA PRO A 186 -3.45 -20.12 -0.39
C PRO A 186 -3.03 -21.58 -0.42
N LYS A 187 -1.74 -21.80 -0.54
CA LYS A 187 -1.20 -23.15 -0.55
C LYS A 187 -0.29 -23.12 0.64
N ALA A 188 -0.58 -24.00 1.60
CA ALA A 188 0.18 -24.03 2.83
C ALA A 188 1.07 -25.24 3.00
N HIS A 189 2.06 -25.08 3.86
CA HIS A 189 2.98 -26.15 4.21
C HIS A 189 3.67 -25.72 5.50
N VAL A 190 4.13 -26.68 6.29
CA VAL A 190 4.79 -26.38 7.55
C VAL A 190 6.27 -26.71 7.49
N THR A 191 7.10 -25.84 8.08
CA THR A 191 8.53 -26.06 8.12
C THR A 191 8.98 -26.18 9.58
N HIS A 192 10.05 -26.94 9.79
CA HIS A 192 10.60 -27.19 11.11
C HIS A 192 11.96 -26.52 11.24
N HIS A 193 12.20 -25.82 12.35
CA HIS A 193 13.47 -25.14 12.57
C HIS A 193 13.95 -25.26 14.03
N PRO A 194 15.23 -25.60 14.23
CA PRO A 194 15.77 -25.76 15.58
C PRO A 194 15.94 -24.44 16.34
N ARG A 195 16.15 -24.58 17.64
CA ARG A 195 16.36 -23.45 18.53
C ARG A 195 16.64 -24.03 19.92
N SER A 196 16.20 -23.33 20.96
CA SER A 196 16.39 -23.75 22.36
C SER A 196 16.70 -25.22 22.57
N LYS A 197 17.47 -25.50 23.63
CA LYS A 197 17.82 -26.87 23.97
C LYS A 197 16.48 -27.60 24.16
N GLY A 198 16.19 -28.57 23.31
CA GLY A 198 14.92 -29.29 23.42
C GLY A 198 13.81 -28.63 22.62
N GLU A 199 13.40 -27.44 23.02
CA GLU A 199 12.34 -26.70 22.30
C GLU A 199 12.73 -26.54 20.82
N VAL A 200 11.72 -26.36 19.96
CA VAL A 200 11.95 -26.20 18.51
C VAL A 200 10.90 -25.26 17.92
N THR A 201 11.05 -24.86 16.65
CA THR A 201 10.07 -23.97 16.01
C THR A 201 9.37 -24.58 14.80
N LEU A 202 8.06 -24.38 14.73
CA LEU A 202 7.23 -24.86 13.63
C LEU A 202 6.63 -23.61 13.01
N ARG A 203 6.77 -23.47 11.70
CA ARG A 203 6.25 -22.29 11.02
C ARG A 203 5.27 -22.73 9.94
N CYS A 204 4.08 -22.15 9.99
CA CYS A 204 3.04 -22.45 9.01
C CYS A 204 3.02 -21.37 7.92
N TRP A 205 3.22 -21.79 6.68
CA TRP A 205 3.23 -20.86 5.55
C TRP A 205 1.97 -20.89 4.69
N ALA A 206 1.57 -19.70 4.25
CA ALA A 206 0.43 -19.54 3.36
C ALA A 206 0.97 -18.72 2.19
N LEU A 207 0.95 -19.28 0.99
CA LEU A 207 1.48 -18.60 -0.19
C LEU A 207 0.51 -18.53 -1.35
N GLY A 208 0.80 -17.64 -2.29
CA GLY A 208 -0.02 -17.47 -3.48
C GLY A 208 -1.48 -17.10 -3.38
N PHE A 209 -1.92 -16.50 -2.26
CA PHE A 209 -3.34 -16.16 -2.14
C PHE A 209 -3.74 -14.71 -2.46
N TYR A 210 -5.01 -14.52 -2.83
CA TYR A 210 -5.57 -13.22 -3.16
C TYR A 210 -7.07 -13.24 -2.87
N PRO A 211 -7.63 -12.21 -2.20
CA PRO A 211 -6.98 -11.00 -1.67
C PRO A 211 -6.12 -11.27 -0.47
N ALA A 212 -5.53 -10.21 0.07
CA ALA A 212 -4.63 -10.33 1.19
C ALA A 212 -5.23 -10.75 2.53
N ASP A 213 -6.54 -10.64 2.67
CA ASP A 213 -7.17 -11.01 3.95
C ASP A 213 -7.08 -12.51 4.21
N ILE A 214 -6.49 -12.87 5.34
CA ILE A 214 -6.32 -14.27 5.67
C ILE A 214 -6.20 -14.45 7.18
N THR A 215 -6.41 -15.67 7.68
CA THR A 215 -6.28 -15.93 9.12
C THR A 215 -5.45 -17.18 9.38
N LEU A 216 -4.40 -17.05 10.17
CA LEU A 216 -3.55 -18.20 10.49
C LEU A 216 -3.63 -18.56 11.96
N THR A 217 -4.01 -19.81 12.27
CA THR A 217 -4.08 -20.21 13.67
C THR A 217 -3.29 -21.46 13.97
N TRP A 218 -2.84 -21.53 15.21
CA TRP A 218 -2.08 -22.66 15.72
C TRP A 218 -2.87 -23.20 16.91
N GLN A 219 -2.87 -24.51 17.08
CA GLN A 219 -3.60 -25.10 18.20
C GLN A 219 -2.89 -26.32 18.76
N LEU A 220 -3.10 -26.54 20.07
CA LEU A 220 -2.53 -27.66 20.78
C LEU A 220 -3.70 -28.44 21.36
N ASN A 221 -3.84 -29.69 20.93
CA ASN A 221 -4.94 -30.53 21.41
C ASN A 221 -6.28 -29.79 21.29
N GLY A 222 -6.55 -29.26 20.10
CA GLY A 222 -7.80 -28.56 19.84
C GLY A 222 -8.02 -27.24 20.55
N GLU A 223 -6.95 -26.64 21.08
CA GLU A 223 -7.09 -25.37 21.78
C GLU A 223 -6.36 -24.22 21.11
N GLU A 224 -7.08 -23.15 20.84
CA GLU A 224 -6.48 -21.97 20.22
C GLU A 224 -5.25 -21.53 21.00
N LEU A 225 -4.09 -21.76 20.40
CA LEU A 225 -2.82 -21.40 21.03
C LEU A 225 -2.42 -19.98 20.63
N THR A 226 -3.21 -19.03 21.11
CA THR A 226 -2.96 -17.61 20.84
C THR A 226 -1.93 -17.11 21.86
N GLN A 227 -1.17 -18.06 22.38
CA GLN A 227 -0.15 -17.79 23.40
C GLN A 227 1.27 -17.87 22.84
N ASP A 228 1.84 -16.71 22.51
CA ASP A 228 3.20 -16.63 22.00
C ASP A 228 3.33 -17.22 20.60
N MET A 229 2.67 -16.60 19.65
CA MET A 229 2.71 -17.06 18.27
C MET A 229 3.29 -15.95 17.40
N GLU A 230 4.36 -16.28 16.67
CA GLU A 230 5.04 -15.34 15.78
C GLU A 230 4.18 -15.11 14.53
N LEU A 231 3.93 -13.85 14.20
CA LEU A 231 3.08 -13.52 13.06
C LEU A 231 3.59 -12.32 12.27
N VAL A 232 4.03 -12.54 11.03
CA VAL A 232 4.52 -11.43 10.20
C VAL A 232 3.37 -10.74 9.48
N GLU A 233 3.55 -9.46 9.15
CA GLU A 233 2.53 -8.73 8.43
C GLU A 233 2.40 -9.35 7.03
N THR A 234 1.16 -9.48 6.55
CA THR A 234 0.93 -10.03 5.23
C THR A 234 1.76 -9.21 4.22
N ARG A 235 2.37 -9.92 3.27
CA ARG A 235 3.27 -9.31 2.29
C ARG A 235 3.01 -9.71 0.85
N PRO A 236 3.18 -8.76 -0.09
CA PRO A 236 2.98 -9.01 -1.52
C PRO A 236 4.15 -9.85 -2.05
N ALA A 237 3.86 -10.89 -2.83
CA ALA A 237 4.89 -11.77 -3.41
C ALA A 237 5.54 -11.15 -4.65
N GLY A 238 4.81 -10.28 -5.33
CA GLY A 238 5.38 -9.64 -6.52
C GLY A 238 4.63 -9.97 -7.79
N ASP A 239 3.92 -11.10 -7.78
CA ASP A 239 3.16 -11.57 -8.91
C ASP A 239 1.70 -11.27 -8.71
N GLY A 240 1.37 -10.45 -7.71
CA GLY A 240 -0.03 -10.14 -7.50
C GLY A 240 -0.72 -10.99 -6.46
N THR A 241 0.00 -11.91 -5.81
CA THR A 241 -0.58 -12.74 -4.76
C THR A 241 0.07 -12.36 -3.43
N PHE A 242 -0.36 -12.97 -2.33
CA PHE A 242 0.23 -12.63 -1.06
C PHE A 242 0.71 -13.83 -0.26
N GLN A 243 1.48 -13.53 0.77
CA GLN A 243 1.99 -14.54 1.66
C GLN A 243 1.93 -14.03 3.10
N LYS A 244 1.91 -14.98 4.02
CA LYS A 244 1.90 -14.66 5.43
C LYS A 244 2.25 -15.91 6.15
N TRP A 245 2.90 -15.78 7.30
CA TRP A 245 3.21 -16.97 8.07
C TRP A 245 3.13 -16.73 9.57
N ALA A 246 2.82 -17.81 10.29
CA ALA A 246 2.73 -17.78 11.75
C ALA A 246 3.50 -18.99 12.26
N SER A 247 4.11 -18.84 13.42
CA SER A 247 4.86 -19.94 14.01
C SER A 247 4.77 -19.96 15.55
N VAL A 248 5.26 -21.04 16.13
CA VAL A 248 5.27 -21.20 17.58
C VAL A 248 6.49 -22.03 18.00
N VAL A 249 6.96 -21.82 19.22
CA VAL A 249 8.08 -22.60 19.74
C VAL A 249 7.46 -23.78 20.48
N VAL A 250 7.78 -24.98 20.01
CA VAL A 250 7.23 -26.22 20.55
C VAL A 250 8.28 -27.16 21.14
N PRO A 251 7.90 -27.94 22.18
CA PRO A 251 8.85 -28.88 22.79
C PRO A 251 9.11 -30.06 21.86
N LEU A 252 10.37 -30.26 21.49
CA LEU A 252 10.75 -31.35 20.59
C LEU A 252 10.01 -32.64 20.87
N GLY A 253 9.73 -33.39 19.81
CA GLY A 253 9.02 -34.65 19.96
C GLY A 253 7.52 -34.43 20.02
N LYS A 254 7.10 -33.51 20.86
CA LYS A 254 5.68 -33.19 21.02
C LYS A 254 5.22 -32.35 19.83
N GLU A 255 5.96 -32.46 18.73
CA GLU A 255 5.69 -31.71 17.51
C GLU A 255 4.35 -32.00 16.86
N GLN A 256 4.12 -33.27 16.52
CA GLN A 256 2.89 -33.65 15.85
C GLN A 256 1.66 -33.54 16.74
N ASN A 257 1.76 -32.70 17.77
CA ASN A 257 0.66 -32.45 18.71
C ASN A 257 0.08 -31.08 18.42
N TYR A 258 0.53 -30.48 17.31
CA TYR A 258 0.08 -29.15 16.90
C TYR A 258 -0.41 -29.09 15.46
N THR A 259 -1.51 -28.37 15.25
CA THR A 259 -2.06 -28.23 13.92
C THR A 259 -2.20 -26.77 13.51
N CYS A 260 -1.97 -26.52 12.22
CA CYS A 260 -2.10 -25.18 11.67
C CYS A 260 -3.40 -25.17 10.91
N ARG A 261 -4.18 -24.10 11.07
CA ARG A 261 -5.44 -23.98 10.37
C ARG A 261 -5.39 -22.69 9.57
N VAL A 262 -5.77 -22.76 8.29
CA VAL A 262 -5.75 -21.61 7.40
C VAL A 262 -7.16 -21.24 6.90
N TYR A 263 -7.56 -20.00 7.13
CA TYR A 263 -8.88 -19.55 6.69
C TYR A 263 -8.78 -18.46 5.64
N HIS A 264 -9.34 -18.71 4.47
CA HIS A 264 -9.30 -17.74 3.39
C HIS A 264 -10.60 -17.77 2.58
N GLU A 265 -10.98 -16.59 2.09
CA GLU A 265 -12.17 -16.39 1.28
C GLU A 265 -12.22 -17.23 0.00
N GLY A 266 -11.06 -17.70 -0.47
CA GLY A 266 -11.05 -18.46 -1.70
C GLY A 266 -11.07 -19.96 -1.55
N LEU A 267 -10.95 -20.45 -0.33
CA LEU A 267 -10.96 -21.89 -0.06
C LEU A 267 -12.36 -22.48 -0.01
N PRO A 268 -12.52 -23.69 -0.58
CA PRO A 268 -13.84 -24.32 -0.56
C PRO A 268 -14.17 -24.67 0.89
N GLU A 269 -13.11 -24.87 1.67
CA GLU A 269 -13.22 -25.21 3.09
C GLU A 269 -11.87 -24.94 3.76
N PRO A 270 -11.87 -24.51 5.02
CA PRO A 270 -10.63 -24.22 5.75
C PRO A 270 -9.59 -25.34 5.63
N LEU A 271 -8.34 -25.02 5.93
CA LEU A 271 -7.26 -25.99 5.84
C LEU A 271 -6.70 -26.31 7.20
N THR A 272 -6.24 -27.55 7.34
CA THR A 272 -5.64 -28.03 8.57
C THR A 272 -4.43 -28.81 8.11
N LEU A 273 -3.29 -28.57 8.74
CA LEU A 273 -2.07 -29.28 8.37
C LEU A 273 -1.11 -29.32 9.54
N ARG A 274 -0.30 -30.36 9.57
CA ARG A 274 0.66 -30.57 10.66
C ARG A 274 2.05 -30.80 10.10
N TRP A 275 3.05 -30.67 10.96
CA TRP A 275 4.44 -30.89 10.54
C TRP A 275 4.48 -32.29 9.91
N GLU A 276 5.20 -32.41 8.80
CA GLU A 276 5.33 -33.68 8.10
C GLU A 276 6.79 -34.01 7.80
N PRO A 277 7.51 -34.62 8.77
CA PRO A 277 8.91 -35.00 8.61
C PRO A 277 9.18 -35.87 7.39
N ILE B 2 9.36 15.82 10.30
CA ILE B 2 8.06 15.13 10.26
C ILE B 2 8.26 13.71 9.70
N GLN B 3 9.18 12.98 10.30
CA GLN B 3 9.58 11.64 9.84
C GLN B 3 8.91 10.39 10.44
N LYS B 4 8.97 9.30 9.67
CA LYS B 4 8.44 7.97 10.05
C LYS B 4 9.45 6.89 9.67
N THR B 5 9.91 6.12 10.67
CA THR B 5 10.89 5.05 10.45
C THR B 5 10.32 3.78 9.83
N PRO B 6 10.67 3.53 8.57
CA PRO B 6 10.23 2.37 7.78
C PRO B 6 10.47 0.97 8.37
N GLN B 7 9.54 0.07 8.06
CA GLN B 7 9.59 -1.31 8.48
C GLN B 7 10.04 -2.10 7.25
N ILE B 8 10.93 -3.07 7.45
CA ILE B 8 11.44 -3.84 6.33
C ILE B 8 11.25 -5.35 6.47
N GLN B 9 10.84 -5.99 5.38
CA GLN B 9 10.71 -7.45 5.34
C GLN B 9 11.43 -7.90 4.05
N VAL B 10 12.37 -8.81 4.18
CA VAL B 10 13.14 -9.35 3.04
C VAL B 10 12.75 -10.83 2.87
N TYR B 11 12.22 -11.19 1.70
CA TYR B 11 11.77 -12.57 1.47
C TYR B 11 11.70 -12.95 -0.03
N SER B 12 11.78 -14.26 -0.30
CA SER B 12 11.72 -14.76 -1.69
C SER B 12 10.28 -14.91 -2.17
N ARG B 13 10.06 -14.81 -3.48
CA ARG B 13 8.70 -14.93 -4.02
C ARG B 13 8.19 -16.35 -3.95
N HIS B 14 9.08 -17.31 -4.14
CA HIS B 14 8.73 -18.73 -4.13
C HIS B 14 9.59 -19.39 -3.08
N PRO B 15 9.15 -20.52 -2.54
CA PRO B 15 10.00 -21.17 -1.52
C PRO B 15 11.37 -21.48 -2.16
N PRO B 16 12.48 -21.13 -1.48
CA PRO B 16 13.84 -21.36 -1.98
C PRO B 16 14.26 -22.82 -2.17
N GLU B 17 15.09 -23.02 -3.18
CA GLU B 17 15.64 -24.31 -3.56
C GLU B 17 16.98 -23.97 -4.24
N ASN B 18 18.08 -24.28 -3.56
CA ASN B 18 19.41 -23.97 -4.09
C ASN B 18 19.56 -24.33 -5.57
N GLY B 19 19.98 -23.33 -6.35
CA GLY B 19 20.15 -23.53 -7.77
C GLY B 19 18.97 -23.08 -8.60
N LYS B 20 17.76 -23.16 -8.06
CA LYS B 20 16.57 -22.75 -8.80
C LYS B 20 16.39 -21.24 -8.83
N PRO B 21 16.29 -20.65 -10.03
CA PRO B 21 16.11 -19.20 -10.10
C PRO B 21 14.84 -18.81 -9.32
N ASN B 22 14.78 -17.56 -8.88
CA ASN B 22 13.66 -17.10 -8.08
C ASN B 22 13.70 -15.55 -8.07
N ILE B 23 12.87 -14.91 -7.24
CA ILE B 23 12.86 -13.45 -7.14
C ILE B 23 12.93 -13.09 -5.66
N LEU B 24 13.90 -12.24 -5.32
CA LEU B 24 14.06 -11.80 -3.94
C LEU B 24 13.37 -10.46 -3.70
N ASN B 25 12.58 -10.38 -2.63
CA ASN B 25 11.81 -9.17 -2.29
C ASN B 25 12.27 -8.34 -1.10
N CYS B 26 12.05 -7.03 -1.20
CA CYS B 26 12.36 -6.10 -0.09
C CYS B 26 11.12 -5.19 -0.07
N TYR B 27 10.27 -5.44 0.92
CA TYR B 27 9.02 -4.72 1.10
C TYR B 27 9.18 -3.65 2.18
N VAL B 28 9.21 -2.39 1.77
CA VAL B 28 9.39 -1.28 2.70
C VAL B 28 8.06 -0.56 2.94
N THR B 29 7.72 -0.34 4.21
CA THR B 29 6.42 0.28 4.57
C THR B 29 6.53 1.38 5.65
N GLN B 30 5.40 1.99 5.93
CA GLN B 30 5.28 3.02 6.97
C GLN B 30 6.37 4.08 6.98
N PHE B 31 6.67 4.68 5.84
CA PHE B 31 7.70 5.72 5.83
C PHE B 31 7.19 7.05 5.25
N HIS B 32 7.86 8.14 5.58
CA HIS B 32 7.45 9.47 5.10
C HIS B 32 8.59 10.43 5.35
N PRO B 33 8.92 11.29 4.37
CA PRO B 33 8.34 11.49 3.04
C PRO B 33 8.65 10.34 2.08
N PRO B 34 8.04 10.36 0.88
CA PRO B 34 8.20 9.34 -0.18
C PRO B 34 9.59 9.11 -0.75
N HIS B 35 10.48 10.11 -0.67
CA HIS B 35 11.79 9.89 -1.24
C HIS B 35 12.57 8.90 -0.38
N ILE B 36 13.10 7.87 -1.00
CA ILE B 36 13.83 6.85 -0.26
C ILE B 36 14.79 6.14 -1.20
N GLU B 37 15.86 5.59 -0.65
CA GLU B 37 16.82 4.86 -1.46
C GLU B 37 16.98 3.45 -0.92
N ILE B 38 16.51 2.47 -1.68
CA ILE B 38 16.60 1.07 -1.26
C ILE B 38 17.62 0.32 -2.11
N GLN B 39 18.49 -0.43 -1.44
CA GLN B 39 19.50 -1.21 -2.14
C GLN B 39 19.45 -2.68 -1.74
N MET B 40 19.62 -3.56 -2.71
CA MET B 40 19.63 -4.99 -2.46
C MET B 40 21.05 -5.44 -2.65
N LEU B 41 21.57 -6.19 -1.67
CA LEU B 41 22.94 -6.67 -1.71
C LEU B 41 23.18 -8.18 -1.78
N LYS B 42 24.29 -8.54 -2.42
CA LYS B 42 24.70 -9.92 -2.52
C LYS B 42 26.13 -9.95 -1.99
N ASN B 43 26.37 -10.76 -0.98
CA ASN B 43 27.68 -10.86 -0.37
C ASN B 43 28.33 -9.48 -0.24
N GLY B 44 27.58 -8.50 0.29
CA GLY B 44 28.10 -7.17 0.50
C GLY B 44 28.24 -6.28 -0.73
N LYS B 45 27.70 -6.70 -1.86
CA LYS B 45 27.80 -5.90 -3.08
C LYS B 45 26.41 -5.50 -3.59
N LYS B 46 26.31 -4.27 -4.10
CA LYS B 46 25.06 -3.76 -4.62
C LYS B 46 24.67 -4.47 -5.91
N ILE B 47 23.41 -4.91 -5.98
CA ILE B 47 22.90 -5.58 -7.18
C ILE B 47 22.36 -4.51 -8.10
N PRO B 48 22.97 -4.36 -9.28
CA PRO B 48 22.52 -3.34 -10.24
C PRO B 48 21.10 -3.45 -10.76
N LYS B 49 20.64 -4.67 -11.02
CA LYS B 49 19.29 -4.83 -11.57
C LYS B 49 18.18 -5.02 -10.56
N VAL B 50 17.74 -3.93 -9.96
CA VAL B 50 16.65 -3.99 -8.98
C VAL B 50 15.43 -3.23 -9.50
N GLU B 51 14.31 -3.94 -9.65
CA GLU B 51 13.06 -3.32 -10.09
C GLU B 51 12.39 -2.68 -8.86
N MET B 52 11.61 -1.63 -9.08
CA MET B 52 10.93 -0.96 -7.99
C MET B 52 9.48 -0.70 -8.35
N SER B 53 8.58 -1.08 -7.46
CA SER B 53 7.16 -0.85 -7.68
C SER B 53 6.92 0.67 -7.67
N ASP B 54 5.78 1.10 -8.17
CA ASP B 54 5.46 2.52 -8.17
C ASP B 54 5.01 2.98 -6.77
N MET B 55 5.22 4.26 -6.48
CA MET B 55 4.89 4.82 -5.16
C MET B 55 3.40 4.82 -4.81
N SER B 56 3.11 4.27 -3.65
CA SER B 56 1.76 4.17 -3.12
C SER B 56 1.76 4.56 -1.65
N PHE B 57 0.61 4.96 -1.13
CA PHE B 57 0.56 5.29 0.30
C PHE B 57 -0.73 4.73 0.84
N SER B 58 -0.72 4.28 2.08
CA SER B 58 -1.92 3.71 2.68
C SER B 58 -2.75 4.76 3.44
N LYS B 59 -3.87 4.32 3.99
CA LYS B 59 -4.78 5.23 4.67
C LYS B 59 -4.22 6.10 5.77
N ASP B 60 -3.13 5.71 6.41
CA ASP B 60 -2.58 6.55 7.46
C ASP B 60 -1.53 7.53 6.91
N TRP B 61 -1.59 7.76 5.61
CA TRP B 61 -0.67 8.65 4.88
C TRP B 61 0.75 8.12 4.61
N SER B 62 1.19 7.07 5.31
CA SER B 62 2.55 6.53 5.11
C SER B 62 2.68 5.82 3.76
N PHE B 63 3.89 5.82 3.23
CA PHE B 63 4.17 5.20 1.94
C PHE B 63 4.78 3.80 2.05
N TYR B 64 4.59 3.01 1.00
CA TYR B 64 5.16 1.66 0.93
C TYR B 64 5.61 1.36 -0.49
N ILE B 65 6.63 0.52 -0.60
CA ILE B 65 7.16 0.17 -1.91
C ILE B 65 7.75 -1.26 -1.91
N LEU B 66 7.74 -1.90 -3.08
CA LEU B 66 8.28 -3.25 -3.21
C LEU B 66 9.47 -3.28 -4.14
N ALA B 67 10.65 -3.54 -3.60
CA ALA B 67 11.85 -3.64 -4.42
C ALA B 67 12.11 -5.13 -4.57
N HIS B 68 12.47 -5.55 -5.77
CA HIS B 68 12.77 -6.96 -6.02
C HIS B 68 13.82 -7.12 -7.11
N THR B 69 14.45 -8.30 -7.13
CA THR B 69 15.47 -8.60 -8.11
C THR B 69 15.56 -10.12 -8.31
N GLU B 70 16.09 -10.53 -9.44
CA GLU B 70 16.24 -11.95 -9.70
C GLU B 70 17.44 -12.42 -8.92
N PHE B 71 17.35 -13.63 -8.36
CA PHE B 71 18.45 -14.19 -7.62
C PHE B 71 18.30 -15.72 -7.65
N THR B 72 19.39 -16.40 -7.39
CA THR B 72 19.39 -17.84 -7.40
C THR B 72 20.06 -18.23 -6.12
N PRO B 73 19.27 -18.61 -5.10
CA PRO B 73 19.89 -18.99 -3.83
C PRO B 73 20.86 -20.14 -3.96
N THR B 74 21.83 -20.15 -3.06
CA THR B 74 22.81 -21.21 -3.01
C THR B 74 23.03 -21.41 -1.54
N GLU B 75 23.87 -22.38 -1.19
CA GLU B 75 24.15 -22.69 0.19
C GLU B 75 25.01 -21.60 0.84
N THR B 76 25.86 -20.98 0.02
CA THR B 76 26.81 -20.00 0.51
C THR B 76 26.51 -18.50 0.42
N ASP B 77 25.89 -18.05 -0.66
CA ASP B 77 25.60 -16.63 -0.84
C ASP B 77 24.66 -16.02 0.20
N THR B 78 24.94 -14.76 0.55
CA THR B 78 24.13 -14.04 1.51
C THR B 78 23.49 -12.85 0.80
N TYR B 79 22.21 -12.65 1.03
CA TYR B 79 21.49 -11.53 0.42
C TYR B 79 20.94 -10.57 1.47
N ALA B 80 20.91 -9.28 1.15
CA ALA B 80 20.40 -8.31 2.10
C ALA B 80 19.73 -7.11 1.46
N CYS B 81 18.99 -6.35 2.29
CA CYS B 81 18.31 -5.15 1.82
C CYS B 81 18.75 -4.01 2.73
N ARG B 82 19.20 -2.93 2.09
CA ARG B 82 19.68 -1.75 2.79
C ARG B 82 18.79 -0.58 2.40
N VAL B 83 18.17 0.03 3.40
CA VAL B 83 17.26 1.15 3.18
C VAL B 83 17.80 2.49 3.69
N LYS B 84 17.87 3.46 2.78
CA LYS B 84 18.35 4.80 3.09
C LYS B 84 17.17 5.77 3.06
N HIS B 85 16.85 6.35 4.22
CA HIS B 85 15.71 7.29 4.34
C HIS B 85 15.97 8.44 5.33
N ASP B 86 15.49 9.64 4.99
CA ASP B 86 15.68 10.82 5.82
C ASP B 86 15.27 10.72 7.28
N SER B 87 14.35 9.80 7.60
CA SER B 87 13.89 9.62 8.98
C SER B 87 14.85 8.80 9.84
N MET B 88 15.98 8.39 9.26
CA MET B 88 16.99 7.62 9.98
C MET B 88 18.34 8.29 9.69
N ALA B 89 19.16 8.50 10.73
CA ALA B 89 20.45 9.16 10.55
C ALA B 89 21.52 8.23 9.97
N GLU B 90 21.10 7.00 9.70
CA GLU B 90 21.99 5.96 9.19
C GLU B 90 21.11 4.92 8.48
N PRO B 91 21.64 4.26 7.44
CA PRO B 91 20.83 3.25 6.73
C PRO B 91 20.57 2.02 7.58
N LYS B 92 19.52 1.28 7.25
CA LYS B 92 19.21 0.05 7.96
C LYS B 92 19.30 -1.14 7.01
N THR B 93 20.07 -2.15 7.39
CA THR B 93 20.24 -3.33 6.56
C THR B 93 19.60 -4.57 7.17
N VAL B 94 18.79 -5.26 6.37
CA VAL B 94 18.11 -6.49 6.80
C VAL B 94 18.49 -7.66 5.88
N TYR B 95 18.94 -8.75 6.49
CA TYR B 95 19.35 -9.92 5.74
C TYR B 95 18.21 -10.87 5.38
N TRP B 96 18.40 -11.57 4.26
CA TRP B 96 17.41 -12.54 3.82
C TRP B 96 17.62 -13.78 4.66
N ASP B 97 16.56 -14.25 5.31
CA ASP B 97 16.63 -15.46 6.12
C ASP B 97 15.72 -16.48 5.48
N ARG B 98 16.33 -17.54 4.96
CA ARG B 98 15.63 -18.63 4.28
C ARG B 98 14.44 -19.16 5.09
N ASP B 99 14.56 -19.17 6.41
CA ASP B 99 13.48 -19.68 7.26
C ASP B 99 12.38 -18.67 7.53
N MET B 100 12.49 -17.49 6.92
CA MET B 100 11.47 -16.46 7.12
C MET B 100 11.07 -15.76 5.82
N PHE C 1 -12.88 8.00 -12.14
CA PHE C 1 -13.17 9.38 -12.61
C PHE C 1 -12.52 10.37 -11.65
N GLN C 2 -11.35 10.88 -12.06
CA GLN C 2 -10.58 11.84 -11.27
C GLN C 2 -11.44 13.02 -10.83
N PRO C 3 -11.42 13.34 -9.53
CA PRO C 3 -12.25 14.47 -9.14
C PRO C 3 -11.38 15.72 -9.37
N GLN C 4 -11.99 16.87 -9.61
CA GLN C 4 -11.24 18.11 -9.79
C GLN C 4 -11.45 18.99 -8.56
N ASN C 5 -10.37 19.34 -7.88
CA ASN C 5 -10.46 20.15 -6.66
C ASN C 5 -11.10 21.53 -6.81
N GLY C 6 -11.55 22.08 -5.69
CA GLY C 6 -12.17 23.41 -5.69
C GLY C 6 -11.17 24.50 -5.35
N GLN C 7 -11.50 25.31 -4.34
CA GLN C 7 -10.59 26.38 -3.93
C GLN C 7 -9.33 25.83 -3.28
N PHE C 8 -8.19 26.49 -3.52
CA PHE C 8 -6.92 26.07 -2.96
C PHE C 8 -6.94 26.08 -1.45
N ILE C 9 -5.95 25.42 -0.84
CA ILE C 9 -5.89 25.41 0.61
C ILE C 9 -5.27 26.75 1.06
#